data_8C7W
#
_entry.id   8C7W
#
_cell.length_a   66.054
_cell.length_b   66.054
_cell.length_c   145.926
_cell.angle_alpha   90.000
_cell.angle_beta   90.000
_cell.angle_gamma   120.000
#
_symmetry.space_group_name_H-M   'P 32 2 1'
#
loop_
_entity.id
_entity.type
_entity.pdbx_description
1 polymer 'Activin receptor type I'
2 non-polymer 6-methyl-9-piperazin-1-yl-4-(3,4,5-trimethoxyphenyl)-5,7-dihydropyrido[4,3-d][2]benzazepine
3 non-polymer 'SULFATE ION'
4 non-polymer 1,2-ETHANEDIOL
5 water water
#
_entity_poly.entity_id   1
_entity_poly.type   'polypeptide(L)'
_entity_poly.pdbx_seq_one_letter_code
;SMQRTVARDITLLECVGKGRYGEVWRGSWQGENVAVKIFSSRDEKSWFRETELYNTVMLRHENILGFIASDMTSRHSSTQ
LWLITHYHEMGSLYDYLQLTTLDTVSCLRIVLSIASGLAHLHIEIFGTQGKPAIAHRDLKSKNILVKKNGQCCIADLGLA
VMHSQSTNQLDVGNNPRVGTKRYMAPEVLDETIQVDCFDSYKRVDIWAFGLVLWEVARRMVSNGIVEDYKPPFYDVVPND
PSFEDMRKVVCVDQQRPNIPNRWFSDPTLTSLAKLMKECWYQNPSARLTALRIKKTLTKID
;
_entity_poly.pdbx_strand_id   A
#
loop_
_chem_comp.id
_chem_comp.type
_chem_comp.name
_chem_comp.formula
EDO non-polymer 1,2-ETHANEDIOL 'C2 H6 O2'
SO4 non-polymer 'SULFATE ION' 'O4 S -2'
U0C non-polymer 6-methyl-9-piperazin-1-yl-4-(3,4,5-trimethoxyphenyl)-5,7-dihydropyrido[4,3-d][2]benzazepine 'C27 H32 N4 O3'
#
# COMPACT_ATOMS: atom_id res chain seq x y z
N ARG A 4 -20.23 7.44 18.32
CA ARG A 4 -21.27 7.79 17.36
C ARG A 4 -21.53 6.66 16.38
N THR A 5 -20.51 6.31 15.59
CA THR A 5 -20.65 5.28 14.58
C THR A 5 -20.44 3.91 15.21
N VAL A 6 -21.45 3.05 15.12
CA VAL A 6 -21.43 1.72 15.72
C VAL A 6 -21.93 0.72 14.68
N ALA A 7 -21.33 -0.48 14.68
CA ALA A 7 -21.64 -1.50 13.69
C ALA A 7 -23.14 -1.73 13.53
N ARG A 8 -23.87 -1.78 14.65
CA ARG A 8 -25.30 -2.08 14.61
C ARG A 8 -26.10 -1.02 13.86
N ASP A 9 -25.54 0.17 13.66
CA ASP A 9 -26.22 1.26 12.97
C ASP A 9 -25.82 1.38 11.51
N ILE A 10 -25.03 0.43 11.00
CA ILE A 10 -24.55 0.46 9.62
C ILE A 10 -25.29 -0.61 8.83
N THR A 11 -25.77 -0.24 7.64
CA THR A 11 -26.47 -1.17 6.76
C THR A 11 -25.51 -1.63 5.67
N LEU A 12 -25.22 -2.93 5.64
CA LEU A 12 -24.32 -3.50 4.64
C LEU A 12 -25.07 -3.62 3.32
N LEU A 13 -24.73 -2.76 2.36
CA LEU A 13 -25.47 -2.71 1.10
C LEU A 13 -24.94 -3.70 0.07
N GLU A 14 -23.64 -3.69 -0.20
CA GLU A 14 -23.10 -4.59 -1.21
C GLU A 14 -21.63 -4.86 -0.96
N CYS A 15 -21.20 -6.07 -1.33
CA CYS A 15 -19.83 -6.51 -1.11
C CYS A 15 -18.95 -6.04 -2.26
N VAL A 16 -17.96 -5.20 -1.94
CA VAL A 16 -17.04 -4.68 -2.95
C VAL A 16 -15.72 -5.44 -2.98
N GLY A 17 -15.49 -6.34 -2.04
CA GLY A 17 -14.26 -7.11 -2.02
C GLY A 17 -14.34 -8.32 -1.12
N LYS A 18 -13.74 -9.43 -1.56
CA LYS A 18 -13.67 -10.65 -0.76
C LYS A 18 -12.33 -11.31 -1.01
N GLY A 19 -11.90 -12.14 -0.06
CA GLY A 19 -10.65 -12.84 -0.18
C GLY A 19 -10.27 -13.47 1.14
N ARG A 20 -8.99 -13.87 1.21
CA ARG A 20 -8.49 -14.51 2.42
C ARG A 20 -8.51 -13.56 3.62
N TYR A 21 -8.36 -12.26 3.37
CA TYR A 21 -8.41 -11.28 4.45
C TYR A 21 -9.80 -11.20 5.06
N GLY A 22 -10.83 -11.54 4.30
CA GLY A 22 -12.21 -11.39 4.72
C GLY A 22 -13.03 -10.71 3.65
N GLU A 23 -13.79 -9.68 4.01
CA GLU A 23 -14.65 -8.99 3.08
C GLU A 23 -14.62 -7.49 3.37
N VAL A 24 -14.84 -6.69 2.32
CA VAL A 24 -15.08 -5.27 2.45
C VAL A 24 -16.44 -4.97 1.84
N TRP A 25 -17.27 -4.24 2.58
CA TRP A 25 -18.62 -3.93 2.15
C TRP A 25 -18.78 -2.42 1.99
N ARG A 26 -19.63 -2.02 1.04
CA ARG A 26 -20.13 -0.66 1.02
C ARG A 26 -21.33 -0.57 1.95
N GLY A 27 -21.23 0.27 2.96
CA GLY A 27 -22.29 0.35 3.96
C GLY A 27 -22.91 1.73 4.03
N SER A 28 -24.14 1.81 4.56
CA SER A 28 -24.83 3.07 4.76
C SER A 28 -24.96 3.33 6.25
N TRP A 29 -24.47 4.48 6.69
CA TRP A 29 -24.59 4.91 8.08
C TRP A 29 -25.09 6.35 8.07
N GLN A 30 -26.31 6.55 8.57
CA GLN A 30 -26.96 7.86 8.61
C GLN A 30 -27.08 8.46 7.21
N GLY A 31 -27.26 7.61 6.22
CA GLY A 31 -27.38 8.02 4.82
C GLY A 31 -26.07 8.01 4.06
N GLU A 32 -24.98 8.43 4.69
CA GLU A 32 -23.70 8.53 4.02
C GLU A 32 -23.09 7.15 3.79
N ASN A 33 -22.24 7.06 2.78
CA ASN A 33 -21.57 5.82 2.45
C ASN A 33 -20.36 5.61 3.34
N VAL A 34 -20.15 4.36 3.76
CA VAL A 34 -18.99 3.97 4.57
C VAL A 34 -18.47 2.64 4.06
N ALA A 35 -17.21 2.37 4.39
CA ALA A 35 -16.53 1.13 4.02
C ALA A 35 -16.34 0.28 5.27
N VAL A 36 -16.80 -0.97 5.22
CA VAL A 36 -16.75 -1.88 6.36
C VAL A 36 -15.95 -3.11 5.94
N LYS A 37 -14.81 -3.33 6.60
CA LYS A 37 -14.02 -4.53 6.40
C LYS A 37 -14.32 -5.50 7.54
N ILE A 38 -14.88 -6.65 7.19
CA ILE A 38 -15.18 -7.71 8.14
C ILE A 38 -14.05 -8.72 8.03
N PHE A 39 -13.13 -8.69 9.00
CA PHE A 39 -11.94 -9.53 8.95
C PHE A 39 -12.30 -11.00 9.01
N SER A 40 -11.58 -11.81 8.23
CA SER A 40 -11.73 -13.25 8.30
C SER A 40 -11.16 -13.76 9.62
N SER A 41 -11.64 -14.95 10.03
CA SER A 41 -11.16 -15.55 11.26
C SER A 41 -9.64 -15.76 11.23
N ARG A 42 -9.12 -16.18 10.08
CA ARG A 42 -7.68 -16.44 9.97
C ARG A 42 -6.85 -15.16 10.06
N ASP A 43 -7.46 -13.99 9.87
CA ASP A 43 -6.74 -12.72 9.83
C ASP A 43 -7.03 -11.86 11.05
N GLU A 44 -7.34 -12.49 12.19
CA GLU A 44 -7.73 -11.74 13.38
C GLU A 44 -6.60 -10.84 13.88
N LYS A 45 -5.36 -11.33 13.80
CA LYS A 45 -4.22 -10.55 14.28
C LYS A 45 -4.05 -9.26 13.50
N SER A 46 -4.45 -9.24 12.23
CA SER A 46 -4.35 -8.01 11.45
C SER A 46 -5.37 -6.98 11.93
N TRP A 47 -6.57 -7.41 12.30
CA TRP A 47 -7.54 -6.49 12.89
C TRP A 47 -7.01 -5.86 14.17
N PHE A 48 -6.31 -6.65 14.98
CA PHE A 48 -5.78 -6.14 16.24
C PHE A 48 -4.72 -5.08 16.00
N ARG A 49 -3.75 -5.36 15.11
CA ARG A 49 -2.70 -4.39 14.83
C ARG A 49 -3.27 -3.12 14.21
N GLU A 50 -4.22 -3.28 13.27
CA GLU A 50 -4.83 -2.12 12.65
C GLU A 50 -5.60 -1.29 13.66
N THR A 51 -6.33 -1.96 14.55
CA THR A 51 -7.07 -1.24 15.60
C THR A 51 -6.12 -0.48 16.52
N GLU A 52 -4.95 -1.05 16.81
CA GLU A 52 -3.98 -0.35 17.64
C GLU A 52 -3.48 0.93 16.96
N LEU A 53 -3.22 0.87 15.66
CA LEU A 53 -2.67 2.02 14.96
C LEU A 53 -3.71 3.14 14.84
N TYR A 54 -4.95 2.79 14.48
CA TYR A 54 -5.96 3.82 14.25
C TYR A 54 -6.49 4.40 15.56
N ASN A 55 -6.55 3.60 16.62
CA ASN A 55 -7.12 4.04 17.90
C ASN A 55 -6.07 4.53 18.88
N THR A 56 -5.04 3.74 19.16
CA THR A 56 -4.03 4.15 20.13
C THR A 56 -3.05 5.14 19.54
N VAL A 57 -2.47 4.80 18.37
CA VAL A 57 -1.56 5.72 17.70
C VAL A 57 -2.33 6.87 17.06
N MET A 58 -3.63 6.70 16.81
CA MET A 58 -4.48 7.71 16.20
C MET A 58 -3.89 8.20 14.87
N LEU A 59 -3.54 7.24 14.01
CA LEU A 59 -2.99 7.55 12.70
C LEU A 59 -4.01 8.31 11.87
N ARG A 60 -3.61 9.48 11.35
CA ARG A 60 -4.51 10.30 10.54
C ARG A 60 -3.70 11.13 9.58
N HIS A 61 -3.91 10.91 8.28
CA HIS A 61 -3.24 11.66 7.23
C HIS A 61 -4.11 11.59 5.98
N GLU A 62 -4.10 12.66 5.20
CA GLU A 62 -5.01 12.75 4.05
C GLU A 62 -4.68 11.72 2.97
N ASN A 63 -3.47 11.17 2.97
CA ASN A 63 -3.09 10.09 2.07
C ASN A 63 -2.99 8.75 2.79
N ILE A 64 -3.76 8.60 3.86
CA ILE A 64 -3.99 7.32 4.52
C ILE A 64 -5.50 7.14 4.65
N LEU A 65 -5.96 5.91 4.45
CA LEU A 65 -7.40 5.63 4.49
C LEU A 65 -8.02 6.13 5.77
N GLY A 66 -9.00 7.02 5.64
CA GLY A 66 -9.61 7.69 6.78
C GLY A 66 -10.38 6.77 7.71
N PHE A 67 -9.82 6.53 8.90
CA PHE A 67 -10.46 5.66 9.88
C PHE A 67 -11.66 6.34 10.51
N ILE A 68 -12.72 5.57 10.73
CA ILE A 68 -13.95 6.07 11.36
C ILE A 68 -14.17 5.45 12.73
N ALA A 69 -14.23 4.12 12.81
CA ALA A 69 -14.48 3.45 14.07
C ALA A 69 -14.09 1.98 13.97
N SER A 70 -13.58 1.45 15.07
CA SER A 70 -13.38 0.01 15.25
C SER A 70 -14.57 -0.56 16.01
N ASP A 71 -14.88 -1.83 15.75
CA ASP A 71 -16.04 -2.42 16.39
C ASP A 71 -15.97 -3.94 16.32
N MET A 72 -16.63 -4.57 17.28
CA MET A 72 -16.92 -6.00 17.28
C MET A 72 -18.44 -6.17 17.21
N THR A 73 -18.88 -7.11 16.39
CA THR A 73 -20.30 -7.40 16.28
C THR A 73 -20.53 -8.90 16.40
N SER A 74 -21.59 -9.28 17.12
CA SER A 74 -21.97 -10.67 17.28
C SER A 74 -23.09 -10.98 16.30
N ARG A 75 -22.75 -11.69 15.23
CA ARG A 75 -23.71 -12.07 14.20
C ARG A 75 -23.48 -13.51 13.79
N HIS A 76 -24.58 -14.24 13.56
CA HIS A 76 -24.53 -15.64 13.11
C HIS A 76 -23.77 -16.51 14.09
N SER A 77 -24.00 -16.27 15.38
CA SER A 77 -23.38 -17.05 16.47
C SER A 77 -21.85 -17.04 16.38
N SER A 78 -21.32 -15.88 15.97
CA SER A 78 -19.88 -15.65 15.94
C SER A 78 -19.64 -14.15 16.10
N THR A 79 -18.49 -13.80 16.66
CA THR A 79 -18.11 -12.40 16.85
C THR A 79 -17.21 -11.96 15.70
N GLN A 80 -17.69 -11.00 14.92
CA GLN A 80 -16.98 -10.49 13.75
C GLN A 80 -16.21 -9.23 14.10
N LEU A 81 -14.98 -9.13 13.59
CA LEU A 81 -14.12 -7.98 13.83
C LEU A 81 -14.28 -7.00 12.67
N TRP A 82 -14.66 -5.77 12.99
CA TRP A 82 -15.01 -4.76 12.00
C TRP A 82 -14.00 -3.63 11.98
N LEU A 83 -13.75 -3.10 10.79
CA LEU A 83 -13.04 -1.83 10.61
C LEU A 83 -13.88 -0.96 9.70
N ILE A 84 -14.27 0.22 10.19
CA ILE A 84 -15.10 1.15 9.44
C ILE A 84 -14.25 2.35 9.07
N THR A 85 -14.21 2.66 7.77
CA THR A 85 -13.42 3.76 7.24
C THR A 85 -14.27 4.58 6.26
N HIS A 86 -13.68 5.65 5.74
N HIS A 86 -13.68 5.66 5.75
CA HIS A 86 -14.31 6.40 4.66
CA HIS A 86 -14.30 6.39 4.65
C HIS A 86 -14.41 5.53 3.41
C HIS A 86 -14.46 5.48 3.44
N TYR A 87 -15.43 5.79 2.60
CA TYR A 87 -15.69 5.03 1.38
C TYR A 87 -15.29 5.86 0.18
N HIS A 88 -14.41 5.31 -0.65
CA HIS A 88 -13.93 5.96 -1.88
C HIS A 88 -14.55 5.21 -3.06
N GLU A 89 -15.56 5.82 -3.69
CA GLU A 89 -16.33 5.11 -4.71
C GLU A 89 -15.51 4.71 -5.93
N MET A 90 -14.37 5.36 -6.17
CA MET A 90 -13.53 5.00 -7.30
C MET A 90 -12.84 3.66 -7.12
N GLY A 91 -12.90 3.07 -5.94
CA GLY A 91 -12.29 1.78 -5.70
C GLY A 91 -10.79 1.90 -5.45
N SER A 92 -10.11 0.78 -5.68
CA SER A 92 -8.67 0.75 -5.51
C SER A 92 -7.96 1.25 -6.76
N LEU A 93 -6.71 1.69 -6.58
CA LEU A 93 -5.88 2.05 -7.72
C LEU A 93 -5.74 0.89 -8.68
N TYR A 94 -5.79 -0.34 -8.16
CA TYR A 94 -5.78 -1.54 -9.01
C TYR A 94 -6.99 -1.55 -9.93
N ASP A 95 -8.18 -1.25 -9.40
CA ASP A 95 -9.36 -1.13 -10.22
C ASP A 95 -9.28 0.09 -11.13
N TYR A 96 -8.85 1.23 -10.57
CA TYR A 96 -8.84 2.49 -11.31
C TYR A 96 -7.92 2.42 -12.52
N LEU A 97 -6.75 1.80 -12.36
CA LEU A 97 -5.79 1.73 -13.47
C LEU A 97 -6.37 0.98 -14.66
N GLN A 98 -7.17 -0.06 -14.40
CA GLN A 98 -7.77 -0.84 -15.47
C GLN A 98 -8.91 -0.13 -16.16
N LEU A 99 -9.50 0.90 -15.53
CA LEU A 99 -10.67 1.56 -16.09
C LEU A 99 -10.31 2.79 -16.92
N THR A 100 -9.13 3.37 -16.73
CA THR A 100 -8.79 4.62 -17.39
C THR A 100 -7.29 4.71 -17.60
N THR A 101 -6.90 5.60 -18.51
CA THR A 101 -5.52 6.02 -18.67
C THR A 101 -5.34 7.39 -18.03
N LEU A 102 -4.08 7.81 -17.93
CA LEU A 102 -3.72 9.03 -17.21
C LEU A 102 -2.97 9.99 -18.12
N ASP A 103 -3.18 11.28 -17.89
CA ASP A 103 -2.34 12.30 -18.48
C ASP A 103 -1.11 12.49 -17.58
N THR A 104 -0.29 13.50 -17.86
CA THR A 104 0.91 13.71 -17.06
C THR A 104 0.55 14.17 -15.65
N VAL A 105 -0.40 15.10 -15.53
CA VAL A 105 -0.74 15.67 -14.23
C VAL A 105 -1.42 14.63 -13.35
N SER A 106 -2.34 13.85 -13.92
CA SER A 106 -3.04 12.84 -13.12
C SER A 106 -2.08 11.76 -12.63
N CYS A 107 -1.11 11.38 -13.47
CA CYS A 107 -0.17 10.33 -13.08
C CYS A 107 0.73 10.80 -11.94
N LEU A 108 1.27 12.02 -12.06
CA LEU A 108 2.15 12.53 -11.01
C LEU A 108 1.38 12.83 -9.73
N ARG A 109 0.13 13.28 -9.86
CA ARG A 109 -0.70 13.47 -8.68
C ARG A 109 -0.88 12.18 -7.91
N ILE A 110 -1.07 11.06 -8.63
CA ILE A 110 -1.28 9.78 -7.98
C ILE A 110 -0.04 9.36 -7.21
N VAL A 111 1.12 9.37 -7.87
CA VAL A 111 2.32 8.80 -7.27
C VAL A 111 2.90 9.73 -6.20
N LEU A 112 2.68 11.04 -6.31
CA LEU A 112 3.13 11.95 -5.27
C LEU A 112 2.28 11.80 -4.01
N SER A 113 0.97 11.59 -4.18
CA SER A 113 0.10 11.37 -3.03
C SER A 113 0.47 10.10 -2.29
N ILE A 114 0.82 9.04 -3.02
CA ILE A 114 1.26 7.81 -2.37
C ILE A 114 2.57 8.04 -1.64
N ALA A 115 3.51 8.74 -2.26
CA ALA A 115 4.78 9.03 -1.61
C ALA A 115 4.57 9.85 -0.35
N SER A 116 3.64 10.81 -0.40
CA SER A 116 3.34 11.62 0.79
C SER A 116 2.74 10.77 1.90
N GLY A 117 1.90 9.79 1.54
CA GLY A 117 1.36 8.90 2.55
C GLY A 117 2.43 8.02 3.16
N LEU A 118 3.29 7.44 2.32
CA LEU A 118 4.37 6.58 2.81
C LEU A 118 5.35 7.36 3.67
N ALA A 119 5.68 8.59 3.25
CA ALA A 119 6.58 9.43 4.04
C ALA A 119 5.97 9.74 5.41
N HIS A 120 4.66 9.90 5.47
CA HIS A 120 4.00 10.12 6.76
C HIS A 120 4.19 8.92 7.67
N LEU A 121 3.97 7.71 7.14
CA LEU A 121 4.16 6.50 7.93
C LEU A 121 5.59 6.37 8.43
N HIS A 122 6.56 6.55 7.54
CA HIS A 122 7.95 6.27 7.88
C HIS A 122 8.53 7.28 8.86
N ILE A 123 8.02 8.51 8.85
CA ILE A 123 8.63 9.60 9.62
C ILE A 123 7.95 9.69 10.99
N GLU A 124 8.75 9.63 12.04
CA GLU A 124 8.25 9.71 13.40
C GLU A 124 8.15 11.16 13.84
N ILE A 125 7.00 11.54 14.39
CA ILE A 125 6.84 12.82 15.06
C ILE A 125 7.25 12.64 16.52
N PHE A 126 8.21 13.44 16.96
CA PHE A 126 8.79 13.25 18.28
C PHE A 126 7.99 13.97 19.35
N GLY A 127 8.34 13.72 20.61
CA GLY A 127 7.81 14.48 21.72
C GLY A 127 6.64 13.80 22.42
N THR A 128 5.94 14.62 23.19
CA THR A 128 4.81 14.13 23.99
C THR A 128 3.68 13.65 23.10
N GLN A 129 3.30 12.38 23.27
CA GLN A 129 2.24 11.74 22.49
C GLN A 129 2.56 11.75 20.99
N GLY A 130 3.85 11.79 20.65
CA GLY A 130 4.24 11.83 19.26
C GLY A 130 4.13 10.47 18.60
N LYS A 131 3.61 10.48 17.37
CA LYS A 131 3.44 9.24 16.63
C LYS A 131 4.80 8.63 16.29
N PRO A 132 4.88 7.31 16.24
CA PRO A 132 6.15 6.63 15.95
C PRO A 132 6.36 6.51 14.45
N ALA A 133 7.53 5.99 14.10
CA ALA A 133 7.80 5.61 12.71
C ALA A 133 7.12 4.29 12.40
N ILE A 134 6.47 4.22 11.24
CA ILE A 134 5.68 3.07 10.87
C ILE A 134 6.09 2.60 9.48
N ALA A 135 6.32 1.29 9.33
CA ALA A 135 6.51 0.66 8.04
C ALA A 135 5.27 -0.16 7.71
N HIS A 136 4.88 -0.15 6.43
CA HIS A 136 3.60 -0.72 6.03
C HIS A 136 3.67 -2.23 5.85
N ARG A 137 4.59 -2.70 4.99
CA ARG A 137 4.99 -4.08 4.76
C ARG A 137 4.03 -4.87 3.87
N ASP A 138 2.96 -4.27 3.35
CA ASP A 138 2.12 -4.94 2.36
C ASP A 138 1.60 -3.93 1.35
N LEU A 139 2.49 -3.05 0.88
CA LEU A 139 2.11 -2.05 -0.09
C LEU A 139 1.87 -2.69 -1.45
N LYS A 140 0.68 -2.46 -2.01
CA LYS A 140 0.36 -2.88 -3.36
C LYS A 140 -0.74 -1.97 -3.87
N SER A 141 -1.08 -2.14 -5.16
CA SER A 141 -2.09 -1.27 -5.75
C SER A 141 -3.49 -1.59 -5.22
N LYS A 142 -3.73 -2.84 -4.82
CA LYS A 142 -5.02 -3.18 -4.20
C LYS A 142 -5.18 -2.55 -2.83
N ASN A 143 -4.07 -2.18 -2.18
CA ASN A 143 -4.10 -1.52 -0.88
C ASN A 143 -3.95 0.00 -1.00
N ILE A 144 -4.31 0.55 -2.15
CA ILE A 144 -4.29 2.00 -2.38
C ILE A 144 -5.63 2.38 -2.99
N LEU A 145 -6.26 3.42 -2.45
CA LEU A 145 -7.57 3.84 -2.89
C LEU A 145 -7.48 5.22 -3.55
N VAL A 146 -8.32 5.42 -4.56
CA VAL A 146 -8.33 6.65 -5.35
C VAL A 146 -9.48 7.53 -4.87
N LYS A 147 -9.14 8.74 -4.44
CA LYS A 147 -10.13 9.71 -3.99
C LYS A 147 -10.66 10.52 -5.17
N LYS A 148 -11.68 11.33 -4.91
CA LYS A 148 -12.34 12.06 -5.98
C LYS A 148 -11.49 13.19 -6.55
N ASN A 149 -10.47 13.65 -5.81
CA ASN A 149 -9.61 14.73 -6.30
C ASN A 149 -8.36 14.21 -6.98
N GLY A 150 -8.35 12.94 -7.40
CA GLY A 150 -7.21 12.36 -8.07
C GLY A 150 -6.07 11.93 -7.17
N GLN A 151 -6.10 12.31 -5.89
CA GLN A 151 -5.09 11.84 -4.95
C GLN A 151 -5.46 10.44 -4.44
N CYS A 152 -4.48 9.79 -3.81
CA CYS A 152 -4.66 8.44 -3.30
C CYS A 152 -4.39 8.41 -1.80
N CYS A 153 -4.80 7.31 -1.17
CA CYS A 153 -4.50 7.06 0.22
C CYS A 153 -4.14 5.60 0.40
N ILE A 154 -3.24 5.33 1.33
CA ILE A 154 -2.74 3.99 1.61
C ILE A 154 -3.66 3.32 2.62
N ALA A 155 -3.93 2.03 2.41
CA ALA A 155 -4.84 1.28 3.25
C ALA A 155 -4.18 -0.01 3.73
N ASP A 156 -4.84 -0.65 4.69
CA ASP A 156 -4.45 -1.93 5.27
C ASP A 156 -3.18 -1.80 6.11
N LEU A 157 -3.36 -1.60 7.42
CA LEU A 157 -2.25 -1.50 8.36
C LEU A 157 -2.08 -2.76 9.19
N GLY A 158 -2.65 -3.88 8.74
CA GLY A 158 -2.62 -5.11 9.53
C GLY A 158 -1.23 -5.68 9.76
N LEU A 159 -0.26 -5.30 8.92
CA LEU A 159 1.09 -5.84 9.00
C LEU A 159 2.11 -4.81 9.47
N ALA A 160 1.68 -3.63 9.88
CA ALA A 160 2.62 -2.55 10.12
C ALA A 160 3.49 -2.81 11.34
N VAL A 161 4.74 -2.34 11.26
CA VAL A 161 5.69 -2.40 12.36
C VAL A 161 6.04 -0.98 12.77
N MET A 162 6.40 -0.80 14.04
CA MET A 162 6.55 0.51 14.63
C MET A 162 7.93 0.62 15.30
N HIS A 163 8.44 1.84 15.37
CA HIS A 163 9.74 2.10 15.94
C HIS A 163 9.80 3.52 16.46
N SER A 164 10.43 3.70 17.62
CA SER A 164 10.64 5.01 18.23
C SER A 164 12.13 5.20 18.45
N GLN A 165 12.64 6.38 18.09
CA GLN A 165 14.08 6.61 18.15
C GLN A 165 14.56 6.71 19.59
N SER A 166 13.87 7.51 20.42
CA SER A 166 14.30 7.75 21.79
C SER A 166 14.48 6.44 22.56
N THR A 167 13.38 5.69 22.72
CA THR A 167 13.44 4.39 23.36
C THR A 167 14.21 3.35 22.53
N ASN A 168 14.29 3.54 21.21
CA ASN A 168 14.91 2.58 20.30
C ASN A 168 14.29 1.19 20.45
N GLN A 169 12.96 1.15 20.53
CA GLN A 169 12.23 -0.11 20.56
C GLN A 169 11.56 -0.37 19.23
N LEU A 170 11.62 -1.62 18.77
CA LEU A 170 10.96 -2.07 17.56
C LEU A 170 9.78 -2.94 17.93
N ASP A 171 8.63 -2.68 17.29
CA ASP A 171 7.39 -3.39 17.57
C ASP A 171 6.93 -4.06 16.28
N VAL A 172 7.25 -5.35 16.14
CA VAL A 172 6.85 -6.12 14.97
C VAL A 172 5.58 -6.92 15.22
N GLY A 173 5.05 -6.91 16.45
CA GLY A 173 3.90 -7.71 16.79
C GLY A 173 4.20 -9.20 16.60
N ASN A 174 3.11 -9.98 16.55
CA ASN A 174 3.19 -11.40 16.19
C ASN A 174 1.96 -11.71 15.30
N ASN A 175 2.09 -11.39 14.02
CA ASN A 175 1.04 -11.64 13.05
C ASN A 175 1.43 -12.81 12.15
N PRO A 176 0.63 -13.88 12.10
CA PRO A 176 0.96 -14.98 11.17
C PRO A 176 0.86 -14.59 9.72
N ARG A 177 0.35 -13.40 9.41
CA ARG A 177 0.19 -12.97 8.04
C ARG A 177 1.54 -12.72 7.37
N VAL A 178 1.66 -13.14 6.12
CA VAL A 178 2.81 -12.84 5.29
C VAL A 178 2.37 -11.82 4.25
N GLY A 179 3.31 -10.98 3.81
CA GLY A 179 3.03 -10.01 2.78
C GLY A 179 2.63 -10.67 1.47
N THR A 180 2.20 -9.83 0.53
CA THR A 180 1.85 -10.33 -0.79
C THR A 180 3.12 -10.78 -1.52
N LYS A 181 3.11 -12.02 -2.02
CA LYS A 181 4.32 -12.61 -2.59
C LYS A 181 4.76 -11.89 -3.86
N ARG A 182 3.81 -11.32 -4.61
CA ARG A 182 4.18 -10.66 -5.86
C ARG A 182 5.00 -9.41 -5.61
N TYR A 183 4.76 -8.71 -4.51
CA TYR A 183 5.48 -7.48 -4.17
C TYR A 183 6.60 -7.71 -3.16
N MET A 184 7.05 -8.95 -2.99
CA MET A 184 8.03 -9.26 -1.96
C MET A 184 9.42 -8.83 -2.38
N ALA A 185 10.09 -8.09 -1.49
CA ALA A 185 11.43 -7.60 -1.78
C ALA A 185 12.44 -8.76 -1.78
N PRO A 186 13.53 -8.63 -2.54
CA PRO A 186 14.49 -9.74 -2.64
C PRO A 186 15.10 -10.16 -1.31
N GLU A 187 15.39 -9.22 -0.43
CA GLU A 187 15.93 -9.60 0.88
C GLU A 187 14.93 -10.40 1.70
N VAL A 188 13.64 -10.31 1.38
CA VAL A 188 12.65 -11.16 2.03
C VAL A 188 12.66 -12.55 1.39
N LEU A 189 12.77 -12.60 0.07
CA LEU A 189 12.64 -13.87 -0.64
C LEU A 189 13.81 -14.81 -0.36
N ASP A 190 14.99 -14.27 -0.04
CA ASP A 190 16.15 -15.09 0.29
C ASP A 190 16.54 -14.99 1.76
N GLU A 191 15.70 -14.37 2.59
CA GLU A 191 15.81 -14.42 4.04
C GLU A 191 17.10 -13.78 4.56
N THR A 192 17.59 -12.74 3.87
CA THR A 192 18.73 -11.98 4.35
C THR A 192 18.32 -10.71 5.09
N ILE A 193 17.03 -10.40 5.11
CA ILE A 193 16.57 -9.16 5.72
C ILE A 193 16.83 -9.19 7.22
N GLN A 194 17.37 -8.09 7.75
CA GLN A 194 17.64 -7.98 9.18
C GLN A 194 16.33 -7.62 9.88
N VAL A 195 15.72 -8.63 10.51
CA VAL A 195 14.40 -8.45 11.12
C VAL A 195 14.47 -7.62 12.40
N ASP A 196 15.64 -7.52 13.02
CA ASP A 196 15.83 -6.74 14.24
C ASP A 196 16.19 -5.29 13.97
N CYS A 197 16.09 -4.83 12.73
CA CYS A 197 16.46 -3.48 12.35
C CYS A 197 15.28 -2.84 11.62
N PHE A 198 14.83 -1.69 12.12
CA PHE A 198 13.62 -1.06 11.58
C PHE A 198 13.80 -0.63 10.13
N ASP A 199 14.99 -0.13 9.79
CA ASP A 199 15.23 0.35 8.43
C ASP A 199 14.94 -0.72 7.38
N SER A 200 15.12 -2.00 7.76
CA SER A 200 14.85 -3.09 6.82
C SER A 200 13.39 -3.07 6.35
N TYR A 201 12.47 -2.74 7.25
CA TYR A 201 11.05 -2.77 6.89
C TYR A 201 10.66 -1.58 6.04
N LYS A 202 11.27 -0.41 6.27
CA LYS A 202 11.04 0.73 5.40
C LYS A 202 11.50 0.43 3.98
N ARG A 203 12.65 -0.22 3.84
CA ARG A 203 13.21 -0.50 2.52
C ARG A 203 12.36 -1.51 1.77
N VAL A 204 11.64 -2.38 2.49
CA VAL A 204 10.70 -3.28 1.81
C VAL A 204 9.54 -2.48 1.22
N ASP A 205 9.08 -1.46 1.95
CA ASP A 205 8.05 -0.57 1.41
C ASP A 205 8.54 0.15 0.15
N ILE A 206 9.80 0.59 0.16
CA ILE A 206 10.34 1.32 -0.99
C ILE A 206 10.37 0.41 -2.22
N TRP A 207 10.72 -0.86 -2.04
CA TRP A 207 10.68 -1.81 -3.14
C TRP A 207 9.26 -1.93 -3.69
N ALA A 208 8.29 -2.15 -2.80
CA ALA A 208 6.89 -2.28 -3.24
C ALA A 208 6.40 -0.98 -3.88
N PHE A 209 6.82 0.16 -3.33
CA PHE A 209 6.47 1.45 -3.92
C PHE A 209 6.94 1.51 -5.38
N GLY A 210 8.20 1.15 -5.62
CA GLY A 210 8.71 1.15 -6.98
C GLY A 210 7.88 0.30 -7.92
N LEU A 211 7.35 -0.82 -7.43
CA LEU A 211 6.48 -1.64 -8.26
C LEU A 211 5.17 -0.93 -8.57
N VAL A 212 4.60 -0.24 -7.57
CA VAL A 212 3.37 0.52 -7.80
C VAL A 212 3.62 1.66 -8.77
N LEU A 213 4.77 2.33 -8.64
N LEU A 213 4.77 2.34 -8.63
CA LEU A 213 5.13 3.39 -9.58
CA LEU A 213 5.14 3.38 -9.58
C LEU A 213 5.17 2.87 -11.00
C LEU A 213 5.13 2.84 -11.01
N TRP A 214 5.67 1.65 -11.20
CA TRP A 214 5.68 1.03 -12.52
C TRP A 214 4.26 0.79 -13.02
N GLU A 215 3.38 0.30 -12.15
CA GLU A 215 1.99 0.04 -12.53
C GLU A 215 1.31 1.32 -13.00
N VAL A 216 1.55 2.44 -12.31
CA VAL A 216 0.86 3.68 -12.62
C VAL A 216 1.41 4.30 -13.90
N ALA A 217 2.74 4.41 -14.00
CA ALA A 217 3.36 5.09 -15.14
C ALA A 217 3.00 4.41 -16.47
N ARG A 218 2.85 3.08 -16.46
CA ARG A 218 2.42 2.38 -17.66
C ARG A 218 1.13 2.94 -18.22
N ARG A 219 0.28 3.51 -17.36
CA ARG A 219 -1.04 3.99 -17.75
C ARG A 219 -1.04 5.45 -18.18
N MET A 220 0.07 6.16 -18.07
CA MET A 220 0.14 7.54 -18.53
C MET A 220 0.51 7.56 -20.01
N VAL A 221 -0.29 8.25 -20.81
CA VAL A 221 -0.14 8.25 -22.27
C VAL A 221 0.85 9.34 -22.67
N SER A 222 1.78 8.98 -23.55
CA SER A 222 2.72 9.92 -24.15
C SER A 222 2.76 9.67 -25.65
N ASN A 223 2.59 10.74 -26.43
CA ASN A 223 2.67 10.67 -27.89
C ASN A 223 1.71 9.63 -28.45
N GLY A 224 0.54 9.52 -27.85
CA GLY A 224 -0.48 8.60 -28.31
C GLY A 224 -0.20 7.14 -28.04
N ILE A 225 0.70 6.84 -27.10
CA ILE A 225 1.03 5.47 -26.75
C ILE A 225 0.82 5.29 -25.25
N VAL A 226 0.25 4.15 -24.87
CA VAL A 226 0.06 3.79 -23.48
C VAL A 226 0.04 2.27 -23.38
N GLU A 227 0.53 1.75 -22.26
CA GLU A 227 0.52 0.32 -22.02
C GLU A 227 -0.78 -0.10 -21.33
N ASP A 228 -1.20 -1.32 -21.60
CA ASP A 228 -2.30 -1.90 -20.83
C ASP A 228 -1.88 -2.05 -19.38
N TYR A 229 -2.87 -2.02 -18.48
CA TYR A 229 -2.54 -2.30 -17.09
C TYR A 229 -2.05 -3.73 -16.95
N LYS A 230 -0.96 -3.91 -16.22
CA LYS A 230 -0.47 -5.22 -15.89
C LYS A 230 0.07 -5.19 -14.46
N PRO A 231 -0.11 -6.27 -13.70
CA PRO A 231 0.51 -6.36 -12.39
C PRO A 231 2.01 -6.59 -12.52
N PRO A 232 2.78 -6.30 -11.48
CA PRO A 232 4.23 -6.49 -11.57
C PRO A 232 4.59 -7.95 -11.84
N PHE A 233 5.61 -8.13 -12.70
CA PHE A 233 6.11 -9.45 -13.07
C PHE A 233 5.02 -10.30 -13.73
N TYR A 234 4.06 -9.64 -14.38
CA TYR A 234 2.97 -10.34 -15.04
C TYR A 234 3.44 -11.35 -16.07
N ASP A 235 4.65 -11.16 -16.61
CA ASP A 235 5.13 -11.99 -17.71
C ASP A 235 5.93 -13.20 -17.25
N VAL A 236 6.26 -13.31 -15.96
CA VAL A 236 7.19 -14.35 -15.52
C VAL A 236 6.58 -15.24 -14.44
N VAL A 237 5.68 -14.70 -13.63
CA VAL A 237 5.05 -15.49 -12.58
C VAL A 237 3.58 -15.73 -12.94
N PRO A 238 2.97 -16.81 -12.47
CA PRO A 238 1.56 -17.05 -12.75
C PRO A 238 0.67 -16.30 -11.78
N ASN A 239 -0.64 -16.47 -11.94
CA ASN A 239 -1.59 -15.92 -10.98
C ASN A 239 -1.39 -16.58 -9.63
N ASP A 240 -1.48 -15.76 -8.57
CA ASP A 240 -1.16 -16.19 -7.22
C ASP A 240 0.24 -16.83 -7.22
N PRO A 241 1.28 -16.06 -7.46
CA PRO A 241 2.62 -16.65 -7.60
C PRO A 241 3.10 -17.26 -6.31
N SER A 242 3.95 -18.27 -6.45
CA SER A 242 4.51 -18.98 -5.30
C SER A 242 5.74 -18.23 -4.76
N PHE A 243 6.09 -18.55 -3.51
CA PHE A 243 7.27 -17.97 -2.90
C PHE A 243 8.52 -18.28 -3.70
N GLU A 244 8.62 -19.49 -4.24
CA GLU A 244 9.77 -19.88 -5.05
C GLU A 244 9.66 -19.33 -6.47
N ASP A 245 8.44 -19.13 -6.97
CA ASP A 245 8.27 -18.47 -8.26
C ASP A 245 8.88 -17.08 -8.24
N MET A 246 8.59 -16.31 -7.19
CA MET A 246 9.15 -14.97 -7.05
C MET A 246 10.65 -15.02 -6.79
N ARG A 247 11.11 -16.02 -6.05
CA ARG A 247 12.55 -16.12 -5.77
C ARG A 247 13.33 -16.31 -7.06
N LYS A 248 12.81 -17.15 -7.97
CA LYS A 248 13.50 -17.38 -9.23
C LYS A 248 13.55 -16.10 -10.08
N VAL A 249 12.46 -15.34 -10.08
CA VAL A 249 12.42 -14.14 -10.91
C VAL A 249 13.26 -13.03 -10.29
N VAL A 250 13.01 -12.71 -9.03
CA VAL A 250 13.58 -11.51 -8.42
C VAL A 250 15.01 -11.75 -7.94
N CYS A 251 15.27 -12.93 -7.36
CA CYS A 251 16.60 -13.19 -6.80
C CYS A 251 17.52 -13.92 -7.78
N VAL A 252 17.06 -15.05 -8.34
CA VAL A 252 17.92 -15.86 -9.18
C VAL A 252 18.27 -15.12 -10.47
N ASP A 253 17.26 -14.72 -11.23
CA ASP A 253 17.47 -14.07 -12.51
C ASP A 253 17.63 -12.56 -12.38
N GLN A 254 17.45 -12.01 -11.18
CA GLN A 254 17.67 -10.58 -10.92
C GLN A 254 16.83 -9.70 -11.84
N GLN A 255 15.61 -10.15 -12.12
CA GLN A 255 14.75 -9.42 -13.05
C GLN A 255 14.02 -8.28 -12.35
N ARG A 256 13.64 -7.29 -13.14
CA ARG A 256 12.87 -6.14 -12.69
C ARG A 256 11.87 -5.82 -13.78
N PRO A 257 10.79 -5.10 -13.45
CA PRO A 257 9.79 -4.75 -14.47
C PRO A 257 10.41 -3.94 -15.62
N ASN A 258 10.04 -4.33 -16.84
CA ASN A 258 10.65 -3.73 -18.03
C ASN A 258 10.19 -2.30 -18.23
N ILE A 259 11.12 -1.45 -18.62
CA ILE A 259 10.82 -0.07 -18.97
C ILE A 259 10.46 -0.02 -20.46
N PRO A 260 9.23 0.32 -20.82
CA PRO A 260 8.87 0.40 -22.23
C PRO A 260 9.71 1.45 -22.95
N ASN A 261 10.10 1.14 -24.19
CA ASN A 261 10.99 2.03 -24.93
C ASN A 261 10.34 3.38 -25.18
N ARG A 262 9.01 3.40 -25.38
CA ARG A 262 8.31 4.67 -25.60
C ARG A 262 8.46 5.63 -24.44
N TRP A 263 8.82 5.13 -23.25
CA TRP A 263 9.04 6.00 -22.10
C TRP A 263 10.23 6.94 -22.32
N PHE A 264 11.20 6.54 -23.14
CA PHE A 264 12.41 7.32 -23.33
C PHE A 264 12.22 8.53 -24.24
N SER A 265 11.05 8.69 -24.84
CA SER A 265 10.71 9.89 -25.61
C SER A 265 9.70 10.75 -24.87
N ASP A 266 9.68 10.67 -23.54
CA ASP A 266 8.85 11.51 -22.69
C ASP A 266 9.69 11.86 -21.46
N PRO A 267 9.83 13.14 -21.12
CA PRO A 267 10.69 13.51 -20.00
C PRO A 267 10.14 13.08 -18.64
N THR A 268 8.82 13.05 -18.48
CA THR A 268 8.25 12.64 -17.19
C THR A 268 8.44 11.15 -16.96
N LEU A 269 8.11 10.32 -17.94
CA LEU A 269 8.27 8.88 -17.79
C LEU A 269 9.73 8.49 -17.69
N THR A 270 10.63 9.24 -18.35
CA THR A 270 12.04 8.93 -18.25
C THR A 270 12.56 9.19 -16.83
N SER A 271 12.16 10.30 -16.21
CA SER A 271 12.55 10.56 -14.83
C SER A 271 11.89 9.56 -13.89
N LEU A 272 10.64 9.17 -14.18
CA LEU A 272 9.98 8.16 -13.36
C LEU A 272 10.68 6.81 -13.47
N ALA A 273 11.14 6.46 -14.67
CA ALA A 273 11.83 5.19 -14.86
C ALA A 273 13.11 5.13 -14.03
N LYS A 274 13.86 6.24 -14.00
CA LYS A 274 15.02 6.30 -13.12
C LYS A 274 14.62 6.15 -11.67
N LEU A 275 13.44 6.68 -11.30
CA LEU A 275 13.02 6.66 -9.91
C LEU A 275 12.74 5.24 -9.43
N MET A 276 12.05 4.44 -10.25
CA MET A 276 11.72 3.08 -9.83
C MET A 276 12.97 2.21 -9.71
N LYS A 277 13.88 2.33 -10.68
CA LYS A 277 15.11 1.55 -10.63
C LYS A 277 15.91 1.85 -9.38
N GLU A 278 15.81 3.07 -8.86
CA GLU A 278 16.40 3.42 -7.58
C GLU A 278 15.60 2.91 -6.39
N CYS A 279 14.42 2.33 -6.63
CA CYS A 279 13.66 1.63 -5.60
C CYS A 279 13.88 0.12 -5.66
N TRP A 280 14.60 -0.38 -6.66
CA TRP A 280 14.66 -1.81 -6.96
C TRP A 280 16.05 -2.41 -6.77
N TYR A 281 16.98 -1.71 -6.12
CA TYR A 281 18.30 -2.27 -5.91
C TYR A 281 18.20 -3.55 -5.09
N GLN A 282 18.97 -4.56 -5.51
CA GLN A 282 19.07 -5.79 -4.72
C GLN A 282 19.66 -5.48 -3.34
N ASN A 283 20.61 -4.55 -3.27
CA ASN A 283 21.15 -4.05 -2.02
C ASN A 283 20.13 -3.10 -1.41
N PRO A 284 19.47 -3.50 -0.31
CA PRO A 284 18.40 -2.67 0.25
C PRO A 284 18.84 -1.30 0.72
N SER A 285 20.07 -1.17 1.21
CA SER A 285 20.54 0.11 1.73
C SER A 285 20.83 1.13 0.64
N ALA A 286 20.78 0.74 -0.62
CA ALA A 286 21.01 1.66 -1.73
C ALA A 286 19.74 2.35 -2.20
N ARG A 287 18.57 1.82 -1.86
CA ARG A 287 17.32 2.39 -2.31
C ARG A 287 17.03 3.72 -1.63
N LEU A 288 16.29 4.58 -2.33
CA LEU A 288 15.96 5.89 -1.81
C LEU A 288 15.01 5.79 -0.62
N THR A 289 14.99 6.85 0.18
CA THR A 289 14.02 6.94 1.25
C THR A 289 12.70 7.47 0.71
N ALA A 290 11.64 7.30 1.51
CA ALA A 290 10.34 7.82 1.13
C ALA A 290 10.37 9.33 0.95
N LEU A 291 11.13 10.03 1.81
CA LEU A 291 11.21 11.48 1.72
C LEU A 291 11.90 11.93 0.43
N ARG A 292 13.00 11.26 0.07
CA ARG A 292 13.67 11.57 -1.18
C ARG A 292 12.76 11.32 -2.38
N ILE A 293 12.00 10.23 -2.34
CA ILE A 293 11.05 9.94 -3.41
C ILE A 293 10.00 11.05 -3.48
N LYS A 294 9.51 11.50 -2.32
CA LYS A 294 8.52 12.57 -2.31
C LYS A 294 9.10 13.87 -2.83
N LYS A 295 10.35 14.18 -2.49
CA LYS A 295 10.99 15.38 -2.99
C LYS A 295 11.19 15.31 -4.50
N THR A 296 11.73 14.18 -4.98
CA THR A 296 11.97 14.03 -6.41
C THR A 296 10.67 14.08 -7.20
N LEU A 297 9.63 13.41 -6.70
CA LEU A 297 8.32 13.46 -7.36
C LEU A 297 7.73 14.87 -7.33
N THR A 298 8.04 15.64 -6.28
CA THR A 298 7.60 17.03 -6.23
C THR A 298 8.24 17.85 -7.34
N LYS A 299 9.49 17.55 -7.69
CA LYS A 299 10.22 18.35 -8.66
C LYS A 299 9.99 17.89 -10.09
N ILE A 300 9.63 16.61 -10.31
CA ILE A 300 9.46 16.10 -11.67
C ILE A 300 8.28 16.80 -12.34
N ASP A 301 8.46 17.15 -13.62
CA ASP A 301 7.37 17.69 -14.42
C ASP A 301 6.80 16.61 -15.34
C01 U0C B . -12.95 -0.73 5.50
C03 U0C B . -11.07 -1.01 4.00
C04 U0C B . -9.81 -1.61 3.69
C06 U0C B . -8.07 -1.52 5.37
C07 U0C B . -9.38 -1.53 2.32
C09 U0C B . -7.87 -2.45 0.60
C10 U0C B . -10.19 -0.88 1.37
C11 U0C B . -11.45 -0.27 1.64
C12 U0C B . -12.21 0.40 0.46
C13 U0C B . -12.54 1.79 0.48
C15 U0C B . -13.58 1.83 -1.62
C16 U0C B . -13.33 0.43 -1.78
C17 U0C B . -12.63 -0.23 -0.76
C18 U0C B . -12.39 -1.73 -0.96
C20 U0C B . -11.88 -3.56 -2.36
C21 U0C B . -11.50 -1.38 -3.32
C22 U0C B . -12.92 -1.12 -3.77
C23 U0C B . -13.72 -0.26 -2.99
C24 U0C B . -15.03 -0.05 -3.48
C25 U0C B . -15.52 -0.62 -4.61
C26 U0C B . -14.76 -1.50 -5.44
C28 U0C B . -16.38 -1.75 -7.52
C29 U0C B . -17.14 -2.95 -8.17
C31 U0C B . -15.07 -4.24 -8.14
C32 U0C B . -14.34 -3.02 -7.53
C33 U0C B . -13.44 -1.69 -4.94
C34 U0C B . -11.83 -0.37 2.98
N14 U0C B . -13.19 2.48 -0.51
N19 U0C B . -11.43 -2.15 -2.04
N27 U0C B . -15.23 -2.15 -6.67
N30 U0C B . -16.25 -3.86 -8.94
O02 U0C B . -11.57 -1.04 5.31
O05 U0C B . -9.08 -2.24 4.68
O08 U0C B . -8.16 -2.11 1.95
S SO4 C . -1.65 -12.32 -7.10
O1 SO4 C . -1.54 -13.06 -8.35
O2 SO4 C . -0.45 -11.52 -6.91
O3 SO4 C . -2.82 -11.43 -7.16
O4 SO4 C . -1.80 -13.24 -5.99
S SO4 D . -13.56 10.68 -1.84
O1 SO4 D . -13.45 11.98 -2.49
O2 SO4 D . -13.21 9.62 -2.79
O3 SO4 D . -14.93 10.48 -1.39
O4 SO4 D . -12.65 10.64 -0.69
S SO4 E . 8.95 -2.37 -25.54
O1 SO4 E . 8.60 -2.87 -26.87
O2 SO4 E . 9.09 -0.92 -25.59
O3 SO4 E . 7.91 -2.73 -24.59
O4 SO4 E . 10.21 -2.97 -25.12
S SO4 F . 18.30 11.84 1.06
O1 SO4 F . 18.08 11.76 -0.37
O2 SO4 F . 19.33 12.83 1.35
O3 SO4 F . 17.06 12.22 1.72
O4 SO4 F . 18.75 10.53 1.56
S SO4 G . 3.90 -21.19 -1.49
O1 SO4 G . 3.20 -21.05 -2.77
O2 SO4 G . 4.57 -19.94 -1.16
O3 SO4 G . 2.94 -21.52 -0.44
O4 SO4 G . 4.88 -22.26 -1.60
S SO4 H . -0.27 15.70 -21.12
O1 SO4 H . -0.11 16.87 -20.26
O2 SO4 H . 0.82 15.65 -22.08
O3 SO4 H . -1.54 15.79 -21.83
O4 SO4 H . -0.26 14.49 -20.30
S SO4 I . -23.59 -6.67 18.84
O1 SO4 I . -22.49 -7.60 19.06
O2 SO4 I . -23.08 -5.43 18.30
O3 SO4 I . -24.26 -6.41 20.10
O4 SO4 I . -24.52 -7.27 17.90
C1 EDO J . -13.71 -17.30 7.33
O1 EDO J . -13.80 -16.74 8.64
C2 EDO J . -12.25 -17.28 6.88
O2 EDO J . -11.43 -17.84 7.90
C1 EDO K . 11.89 8.32 6.11
O1 EDO K . 11.92 8.81 4.77
C2 EDO K . 13.31 8.08 6.60
O2 EDO K . 13.91 7.05 5.83
C1 EDO L . -5.78 -12.03 -0.96
O1 EDO L . -6.16 -12.00 0.42
C2 EDO L . -6.95 -12.55 -1.79
O2 EDO L . -7.30 -13.87 -1.37
C1 EDO M . -1.27 12.19 13.58
O1 EDO M . -2.16 12.67 12.57
C2 EDO M . -1.08 10.68 13.42
O2 EDO M . -0.82 10.38 12.03
#